data_5LII
#
_entry.id   5LII
#
_cell.length_a   1.00
_cell.length_b   1.00
_cell.length_c   1.00
_cell.angle_alpha   90.00
_cell.angle_beta   90.00
_cell.angle_gamma   90.00
#
_symmetry.space_group_name_H-M   'P 1'
#
_entity_poly.entity_id   1
_entity_poly.type   'polypeptide(L)'
_entity_poly.pdbx_seq_one_letter_code
;MTIEKNLSDVQQKYADQFQEDVVKSFQTGYGITPDTQIDAGALRREILDDQITMLTWTNEDLIFYRDISRRPAQSTVVKY
DQYLRHGNVGHSRFVKEIGVAPVSDPNIRQKTVSMKYVSDTKNMSIASGLVNNIADPSQILTEDAIAVVAKTIEWASFYG
DASLTSEVEGEGLEFDGLAKLIDKNNVINAKGNQLTEKHLNEAAVRIGKGFGTATDAYMPIGVHADFVNSILGRQMQLMQ
DNSGNVNTGYSVNGFYSSRGFIKLHGSTVMENELILDESLQPLPNAPQPAKVTATVETKQKGAFENEEDRAGLSYKVVVN
SDDAQSAPSEEVTATVSNVDDGVKLSINVNAMYQQQPQFVSIYRQGKETGMYFLIKRVPVKDAQEDGTIVFVDKNETLPE
TADVFVGEMSPQVVHLFELLPMMKLPLAQINASITFAVLWYGALALRAPKKWARIKNVRYIAV
;
_entity_poly.pdbx_strand_id   P
#
# COMPACT_ATOMS: atom_id res chain seq x y z
N THR A 28 14.28 -48.19 17.53
CA THR A 28 14.90 -49.48 17.25
C THR A 28 13.96 -50.64 17.52
N GLY A 29 14.46 -51.85 17.29
CA GLY A 29 13.83 -53.05 17.79
C GLY A 29 12.39 -53.27 17.43
N TYR A 30 11.54 -53.46 18.44
CA TYR A 30 10.10 -53.56 18.25
C TYR A 30 9.31 -52.78 19.29
N GLY A 31 8.31 -52.08 18.75
CA GLY A 31 7.65 -50.88 19.27
C GLY A 31 8.21 -49.68 18.53
N ILE A 32 7.39 -48.69 18.17
CA ILE A 32 7.85 -47.51 17.44
C ILE A 32 6.98 -46.34 17.85
N THR A 33 7.31 -45.15 17.32
CA THR A 33 6.45 -43.94 17.26
C THR A 33 6.09 -43.35 18.62
N PRO A 34 5.81 -42.05 18.68
CA PRO A 34 6.36 -41.11 17.71
C PRO A 34 7.86 -41.04 17.91
N ASP A 35 8.62 -41.28 16.85
CA ASP A 35 10.05 -41.46 16.93
C ASP A 35 10.72 -40.63 15.83
N THR A 36 11.67 -39.79 16.23
CA THR A 36 11.98 -38.57 15.49
C THR A 36 12.84 -38.81 14.26
N GLN A 37 13.02 -40.06 13.85
CA GLN A 37 13.58 -40.45 12.56
C GLN A 37 14.94 -39.83 12.28
N ILE A 38 15.84 -39.88 13.25
CA ILE A 38 17.24 -39.57 13.00
C ILE A 38 18.06 -40.82 12.71
N ASP A 39 17.50 -42.01 12.92
CA ASP A 39 18.19 -43.30 12.89
C ASP A 39 19.22 -43.33 14.02
N ALA A 40 19.45 -42.19 14.66
CA ALA A 40 20.06 -42.20 15.98
C ALA A 40 19.00 -42.14 17.07
N GLY A 41 17.75 -41.84 16.71
CA GLY A 41 16.62 -41.92 17.60
C GLY A 41 15.53 -42.92 17.26
N ALA A 42 15.76 -43.88 16.36
CA ALA A 42 14.63 -44.49 15.69
C ALA A 42 14.88 -45.97 15.37
N LEU A 43 14.00 -46.51 14.53
CA LEU A 43 13.97 -47.91 14.09
C LEU A 43 13.90 -47.93 12.58
N ARG A 44 13.69 -49.13 12.05
CA ARG A 44 13.30 -49.34 10.67
C ARG A 44 11.82 -49.08 10.48
N ARG A 45 11.52 -48.06 9.68
CA ARG A 45 10.19 -47.69 9.22
C ARG A 45 10.38 -46.50 8.29
N GLU A 46 9.41 -46.26 7.45
CA GLU A 46 9.64 -45.42 6.29
C GLU A 46 8.64 -44.29 6.29
N ILE A 47 9.14 -43.06 6.44
CA ILE A 47 8.33 -41.86 6.63
C ILE A 47 7.69 -41.47 5.32
N LEU A 48 6.65 -40.65 5.39
CA LEU A 48 5.92 -40.24 4.21
C LEU A 48 5.89 -38.72 4.08
N ASP A 49 5.29 -38.25 2.99
CA ASP A 49 5.36 -36.85 2.63
C ASP A 49 4.22 -36.58 1.64
N ASP A 50 4.09 -35.34 1.19
CA ASP A 50 2.82 -34.88 0.63
C ASP A 50 2.99 -33.94 -0.57
N GLN A 51 1.89 -33.27 -0.90
CA GLN A 51 1.84 -32.11 -1.78
C GLN A 51 1.68 -30.84 -0.94
N ILE A 52 2.41 -29.83 -1.33
CA ILE A 52 2.40 -28.55 -0.63
C ILE A 52 0.98 -28.00 -0.56
N THR A 53 0.68 -27.26 0.51
CA THR A 53 -0.60 -26.58 0.65
C THR A 53 -0.38 -25.11 0.98
N MET A 54 -0.70 -24.22 0.04
CA MET A 54 -0.23 -22.83 0.15
C MET A 54 -1.20 -22.05 1.03
N LEU A 55 -0.71 -21.62 2.19
CA LEU A 55 -1.44 -20.61 2.93
C LEU A 55 -0.68 -19.29 2.85
N THR A 56 -1.22 -18.36 2.08
CA THR A 56 -0.60 -17.09 1.81
C THR A 56 -1.60 -16.22 1.06
N TRP A 57 -1.11 -15.10 0.55
CA TRP A 57 -1.77 -14.46 -0.58
C TRP A 57 -1.43 -15.22 -1.84
N THR A 58 -2.43 -15.52 -2.65
CA THR A 58 -2.13 -16.28 -3.84
C THR A 58 -1.87 -15.31 -4.97
N ASN A 59 -1.79 -15.82 -6.19
CA ASN A 59 -1.75 -14.90 -7.33
C ASN A 59 -3.15 -14.42 -7.69
N GLU A 60 -4.12 -15.32 -7.65
CA GLU A 60 -5.49 -14.96 -7.95
C GLU A 60 -6.05 -13.95 -6.98
N ASP A 61 -5.58 -13.95 -5.74
CA ASP A 61 -6.15 -13.10 -4.72
C ASP A 61 -5.79 -11.65 -4.90
N LEU A 62 -4.89 -11.32 -5.82
CA LEU A 62 -4.67 -9.91 -6.12
C LEU A 62 -5.82 -9.43 -6.98
N ILE A 63 -6.29 -8.21 -6.73
CA ILE A 63 -7.40 -7.69 -7.53
C ILE A 63 -7.04 -6.43 -8.31
N PHE A 64 -6.62 -5.36 -7.64
CA PHE A 64 -6.37 -4.12 -8.34
C PHE A 64 -5.41 -4.32 -9.49
N TYR A 65 -4.49 -5.26 -9.38
CA TYR A 65 -3.63 -5.56 -10.52
C TYR A 65 -4.36 -6.41 -11.55
N ARG A 66 -5.46 -7.03 -11.19
CA ARG A 66 -6.14 -7.86 -12.18
C ARG A 66 -7.04 -7.02 -13.08
N ASP A 67 -7.69 -5.98 -12.53
CA ASP A 67 -8.65 -5.20 -13.31
C ASP A 67 -8.11 -3.94 -13.95
N ILE A 68 -6.92 -3.48 -13.63
CA ILE A 68 -6.47 -2.25 -14.27
C ILE A 68 -6.23 -2.54 -15.74
N SER A 69 -6.89 -1.79 -16.60
CA SER A 69 -6.64 -1.90 -18.01
C SER A 69 -5.21 -1.45 -18.33
N ARG A 70 -4.65 -2.01 -19.40
CA ARG A 70 -3.23 -1.83 -19.68
C ARG A 70 -3.00 -1.60 -21.16
N ARG A 71 -2.33 -0.51 -21.49
CA ARG A 71 -1.88 -0.25 -22.84
C ARG A 71 -0.38 0.00 -22.84
N PRO A 72 0.30 -0.29 -23.94
CA PRO A 72 1.77 -0.15 -23.97
C PRO A 72 2.15 1.31 -24.09
N ALA A 73 3.28 1.67 -23.50
CA ALA A 73 3.89 2.92 -23.86
C ALA A 73 5.13 2.64 -24.65
N GLN A 74 5.08 2.80 -25.97
CA GLN A 74 6.33 2.58 -26.65
C GLN A 74 7.01 3.92 -26.54
N SER A 75 8.13 3.96 -25.84
CA SER A 75 8.72 5.24 -25.57
C SER A 75 10.09 5.19 -24.99
N THR A 76 10.59 6.36 -24.67
CA THR A 76 11.70 6.49 -23.77
C THR A 76 10.95 6.30 -22.46
N VAL A 77 11.63 6.31 -21.33
CA VAL A 77 10.91 5.99 -20.10
C VAL A 77 9.83 7.02 -19.81
N VAL A 78 9.78 8.13 -20.57
CA VAL A 78 8.80 9.18 -20.37
C VAL A 78 7.87 9.22 -21.57
N LYS A 79 6.89 10.12 -21.53
CA LYS A 79 5.79 10.18 -22.48
C LYS A 79 4.92 11.39 -22.17
N TYR A 80 4.11 11.80 -23.14
CA TYR A 80 3.34 13.01 -22.95
C TYR A 80 1.84 12.77 -23.01
N ASP A 81 1.14 13.51 -22.18
CA ASP A 81 -0.23 13.31 -21.76
C ASP A 81 -0.82 14.72 -21.83
N GLN A 82 -1.85 14.93 -22.62
CA GLN A 82 -2.19 16.31 -22.98
C GLN A 82 -3.61 16.64 -22.56
N TYR A 83 -3.72 17.66 -21.72
CA TYR A 83 -4.68 17.69 -20.63
C TYR A 83 -5.25 19.08 -20.42
N LEU A 84 -6.59 19.21 -20.41
CA LEU A 84 -7.32 20.44 -20.70
C LEU A 84 -7.87 21.10 -19.45
N ARG A 85 -8.03 22.42 -19.49
CA ARG A 85 -8.81 23.20 -18.51
C ARG A 85 -9.42 24.43 -19.20
N HIS A 86 -10.66 24.79 -18.86
CA HIS A 86 -11.52 25.44 -19.86
C HIS A 86 -11.73 26.93 -19.63
N GLY A 87 -12.55 27.53 -20.49
CA GLY A 87 -12.50 28.95 -20.76
C GLY A 87 -12.99 29.83 -19.63
N ASN A 88 -13.08 31.13 -19.93
CA ASN A 88 -13.56 32.13 -18.97
C ASN A 88 -14.95 32.62 -19.33
N VAL A 89 -15.94 32.26 -18.52
CA VAL A 89 -17.28 32.80 -18.64
C VAL A 89 -17.69 33.34 -17.29
N GLY A 90 -18.48 34.40 -17.31
CA GLY A 90 -18.81 35.12 -16.11
C GLY A 90 -19.51 36.42 -16.47
N HIS A 91 -19.46 37.41 -15.58
CA HIS A 91 -20.07 38.70 -15.86
C HIS A 91 -19.39 39.44 -17.00
N SER A 92 -18.09 39.25 -17.19
CA SER A 92 -17.37 39.89 -18.28
C SER A 92 -18.05 39.67 -19.61
N ARG A 93 -18.09 38.43 -20.07
CA ARG A 93 -18.29 38.09 -21.47
C ARG A 93 -19.64 38.59 -21.97
N PHE A 94 -20.39 39.19 -21.05
CA PHE A 94 -21.85 39.28 -21.12
C PHE A 94 -22.24 40.14 -22.33
N VAL A 95 -23.17 39.58 -23.14
CA VAL A 95 -23.17 39.79 -24.58
C VAL A 95 -24.02 40.98 -25.01
N LYS A 96 -23.32 42.02 -25.46
CA LYS A 96 -23.90 43.23 -26.04
C LYS A 96 -23.56 43.36 -27.52
N GLU A 97 -22.29 43.56 -27.85
CA GLU A 97 -21.78 43.62 -29.21
C GLU A 97 -20.60 42.69 -29.43
N ILE A 98 -19.48 42.88 -28.72
CA ILE A 98 -18.31 42.02 -28.86
C ILE A 98 -17.79 41.61 -27.49
N GLY A 99 -16.68 40.87 -27.51
CA GLY A 99 -16.20 40.22 -26.31
C GLY A 99 -15.11 41.04 -25.63
N VAL A 100 -14.12 40.33 -25.07
CA VAL A 100 -12.86 40.99 -24.81
C VAL A 100 -11.71 40.27 -25.50
N ALA A 101 -11.26 39.16 -24.91
CA ALA A 101 -10.08 38.46 -25.43
C ALA A 101 -10.39 36.97 -25.49
N PRO A 102 -10.80 36.53 -26.45
CA PRO A 102 -11.28 35.14 -26.46
C PRO A 102 -10.18 34.10 -26.24
N VAL A 103 -9.45 34.26 -25.13
CA VAL A 103 -8.39 33.34 -24.76
C VAL A 103 -9.05 32.06 -24.28
N SER A 104 -8.65 30.95 -24.86
CA SER A 104 -9.45 29.77 -24.61
C SER A 104 -8.99 29.07 -23.37
N ASP A 105 -7.90 28.33 -23.46
CA ASP A 105 -7.69 27.32 -22.47
C ASP A 105 -6.28 27.42 -21.96
N PRO A 106 -6.04 27.08 -20.71
CA PRO A 106 -4.69 26.55 -20.70
C PRO A 106 -4.86 25.15 -21.22
N ASN A 107 -3.96 24.60 -22.01
CA ASN A 107 -3.85 23.16 -22.13
C ASN A 107 -2.48 22.79 -21.57
N ILE A 108 -2.43 22.29 -20.35
CA ILE A 108 -1.10 21.97 -19.86
C ILE A 108 -0.78 20.58 -20.39
N ARG A 109 0.45 20.12 -20.20
CA ARG A 109 0.81 18.76 -20.49
C ARG A 109 1.48 18.21 -19.27
N GLN A 110 1.28 16.93 -19.00
CA GLN A 110 1.98 16.31 -17.90
C GLN A 110 2.54 14.97 -18.32
N LYS A 111 3.86 14.89 -18.32
CA LYS A 111 4.60 13.66 -18.42
C LYS A 111 4.27 12.82 -17.20
N THR A 112 4.48 11.52 -17.30
CA THR A 112 4.80 10.77 -16.10
C THR A 112 5.70 9.61 -16.45
N VAL A 113 6.75 9.47 -15.66
CA VAL A 113 7.90 8.65 -15.99
C VAL A 113 7.47 7.20 -15.87
N SER A 114 8.18 6.30 -16.56
CA SER A 114 8.03 4.87 -16.33
C SER A 114 8.95 4.49 -15.18
N MET A 115 8.88 3.24 -14.74
CA MET A 115 9.72 2.75 -13.66
C MET A 115 9.98 1.27 -13.81
N LYS A 116 11.09 0.83 -13.28
CA LYS A 116 11.65 -0.46 -13.63
C LYS A 116 11.79 -1.31 -12.38
N TYR A 117 10.93 -2.31 -12.20
CA TYR A 117 10.95 -2.89 -10.86
C TYR A 117 10.95 -4.40 -10.75
N VAL A 118 11.63 -5.11 -11.64
CA VAL A 118 11.96 -6.49 -11.31
C VAL A 118 12.72 -6.76 -10.02
N SER A 119 12.21 -7.61 -9.13
CA SER A 119 12.91 -7.85 -7.88
C SER A 119 13.18 -9.35 -7.92
N ASP A 120 14.41 -9.73 -8.33
CA ASP A 120 14.74 -11.15 -8.51
C ASP A 120 16.13 -11.49 -7.96
N THR A 121 16.17 -12.19 -6.83
CA THR A 121 17.29 -13.06 -6.46
C THR A 121 16.69 -14.45 -6.45
N LYS A 122 17.02 -15.23 -7.46
CA LYS A 122 16.59 -16.61 -7.55
C LYS A 122 17.84 -17.47 -7.67
N ASN A 123 17.82 -18.63 -7.04
CA ASN A 123 18.96 -19.52 -7.16
C ASN A 123 18.47 -20.95 -7.11
N MET A 124 19.20 -21.83 -7.75
CA MET A 124 18.97 -23.24 -7.63
C MET A 124 20.33 -23.88 -7.52
N SER A 125 20.64 -24.51 -6.41
CA SER A 125 21.87 -25.27 -6.39
C SER A 125 21.70 -26.48 -7.29
N ILE A 126 22.60 -26.61 -8.28
CA ILE A 126 22.50 -27.75 -9.18
C ILE A 126 22.54 -29.03 -8.38
N ALA A 127 23.10 -28.96 -7.17
CA ALA A 127 22.82 -29.98 -6.18
C ALA A 127 21.31 -30.15 -6.00
N SER A 128 20.66 -29.14 -5.44
CA SER A 128 19.29 -29.33 -4.98
C SER A 128 18.28 -29.08 -6.08
N GLY A 129 18.73 -28.89 -7.30
CA GLY A 129 17.83 -29.04 -8.43
C GLY A 129 17.79 -30.47 -8.92
N LEU A 130 18.87 -31.22 -8.70
CA LEU A 130 19.00 -32.57 -9.25
C LEU A 130 18.71 -33.71 -8.26
N VAL A 131 18.53 -33.42 -6.98
CA VAL A 131 18.28 -34.48 -6.01
C VAL A 131 16.83 -34.92 -6.22
N ASN A 132 16.34 -35.78 -5.34
CA ASN A 132 14.93 -36.12 -5.36
C ASN A 132 14.12 -34.95 -4.82
N ASN A 133 12.90 -34.73 -5.31
CA ASN A 133 12.09 -33.61 -4.85
C ASN A 133 10.65 -33.69 -4.35
N ILE A 134 10.04 -32.53 -4.13
CA ILE A 134 8.59 -32.39 -4.11
C ILE A 134 8.43 -31.69 -5.46
N ALA A 135 7.21 -31.54 -5.95
CA ALA A 135 7.11 -30.82 -7.20
C ALA A 135 7.90 -29.58 -6.85
N ASP A 136 8.97 -29.32 -7.59
CA ASP A 136 9.99 -28.33 -7.24
C ASP A 136 11.08 -28.35 -8.29
N PRO A 137 12.02 -27.43 -8.16
CA PRO A 137 11.73 -26.07 -7.74
C PRO A 137 11.31 -25.17 -8.89
N SER A 138 11.84 -25.41 -10.09
CA SER A 138 11.80 -24.35 -11.09
C SER A 138 10.37 -24.01 -11.50
N GLN A 139 9.38 -24.76 -11.06
CA GLN A 139 8.04 -24.22 -11.05
C GLN A 139 7.76 -23.42 -9.78
N ILE A 140 8.21 -23.90 -8.62
CA ILE A 140 7.93 -23.12 -7.42
C ILE A 140 8.70 -21.81 -7.48
N LEU A 141 9.83 -21.77 -8.20
CA LEU A 141 10.54 -20.51 -8.33
C LEU A 141 9.82 -19.56 -9.26
N THR A 142 9.47 -19.98 -10.48
CA THR A 142 8.79 -19.03 -11.35
C THR A 142 7.52 -18.52 -10.70
N GLU A 143 6.79 -19.38 -10.01
CA GLU A 143 5.64 -18.86 -9.28
C GLU A 143 6.08 -17.81 -8.28
N ASP A 144 7.09 -18.10 -7.46
CA ASP A 144 7.53 -17.09 -6.49
C ASP A 144 7.87 -15.78 -7.17
N ALA A 145 8.41 -15.84 -8.38
CA ALA A 145 8.77 -14.62 -9.05
C ALA A 145 7.52 -13.89 -9.52
N ILE A 146 6.84 -14.44 -10.53
CA ILE A 146 5.70 -13.77 -11.12
C ILE A 146 4.74 -13.29 -10.04
N ALA A 147 4.63 -14.04 -8.95
CA ALA A 147 3.81 -13.56 -7.86
C ALA A 147 4.45 -12.37 -7.16
N VAL A 148 5.74 -12.44 -6.84
CA VAL A 148 6.26 -11.32 -6.05
C VAL A 148 6.25 -10.03 -6.85
N VAL A 149 6.64 -10.08 -8.12
CA VAL A 149 6.54 -8.83 -8.86
C VAL A 149 5.09 -8.41 -8.99
N ALA A 150 4.23 -9.28 -9.54
CA ALA A 150 2.88 -8.83 -9.83
C ALA A 150 2.09 -8.49 -8.58
N LYS A 151 2.62 -8.76 -7.39
CA LYS A 151 2.09 -8.05 -6.24
C LYS A 151 2.75 -6.69 -6.09
N THR A 152 4.07 -6.62 -6.28
CA THR A 152 4.70 -5.33 -6.12
C THR A 152 4.13 -4.31 -7.09
N ILE A 153 3.45 -4.76 -8.15
CA ILE A 153 2.70 -3.79 -8.93
C ILE A 153 1.65 -3.12 -8.07
N GLU A 154 0.59 -3.84 -7.68
CA GLU A 154 -0.54 -3.09 -7.18
C GLU A 154 -0.16 -2.41 -5.87
N TRP A 155 0.73 -3.02 -5.09
CA TRP A 155 1.25 -2.25 -3.97
C TRP A 155 1.95 -1.00 -4.47
N ALA A 156 2.63 -1.09 -5.60
CA ALA A 156 3.25 0.11 -6.13
C ALA A 156 2.19 1.11 -6.55
N SER A 157 0.98 0.66 -6.82
CA SER A 157 -0.04 1.58 -7.23
C SER A 157 -0.65 2.27 -6.02
N PHE A 158 -0.75 1.59 -4.89
CA PHE A 158 -1.58 2.18 -3.84
C PHE A 158 -0.82 3.09 -2.88
N TYR A 159 0.51 3.13 -2.89
CA TYR A 159 1.08 4.02 -1.87
C TYR A 159 2.23 4.91 -2.32
N GLY A 160 3.37 4.35 -2.66
CA GLY A 160 4.54 5.21 -2.75
C GLY A 160 4.64 6.14 -3.95
N ASP A 161 4.76 7.44 -3.71
CA ASP A 161 5.09 8.41 -4.75
C ASP A 161 6.59 8.34 -5.04
N ALA A 162 7.11 9.27 -5.83
CA ALA A 162 8.54 9.38 -5.95
C ALA A 162 9.05 10.14 -4.73
N SER A 163 9.75 9.45 -3.85
CA SER A 163 10.21 10.05 -2.61
C SER A 163 11.54 10.71 -2.93
N LEU A 164 11.57 12.03 -2.79
CA LEU A 164 12.76 12.79 -3.14
C LEU A 164 13.95 12.21 -2.39
N THR A 165 14.93 11.72 -3.14
CA THR A 165 15.88 10.76 -2.64
C THR A 165 17.12 11.49 -2.15
N SER A 166 18.23 10.78 -2.04
CA SER A 166 19.47 11.36 -1.55
C SER A 166 19.77 12.72 -2.14
N GLU A 167 19.49 12.95 -3.42
CA GLU A 167 19.33 14.31 -3.94
C GLU A 167 18.54 14.34 -5.25
N VAL A 168 17.94 15.51 -5.53
CA VAL A 168 16.73 15.68 -6.33
C VAL A 168 16.76 14.99 -7.69
N GLU A 169 15.72 14.18 -7.93
CA GLU A 169 15.56 13.34 -9.09
C GLU A 169 14.32 12.50 -8.80
N GLY A 170 13.98 11.60 -9.71
CA GLY A 170 13.01 10.58 -9.37
C GLY A 170 13.64 9.55 -8.45
N GLU A 171 13.04 8.37 -8.40
CA GLU A 171 13.64 7.24 -7.73
C GLU A 171 13.17 5.96 -8.43
N GLY A 172 13.68 4.82 -8.00
CA GLY A 172 13.30 3.58 -8.60
C GLY A 172 11.89 3.17 -8.20
N LEU A 173 11.14 4.10 -7.62
CA LEU A 173 9.82 3.81 -7.11
C LEU A 173 8.77 4.37 -8.07
N GLU A 174 7.66 3.64 -8.22
CA GLU A 174 6.68 3.98 -9.25
C GLU A 174 5.79 5.12 -8.80
N PHE A 175 5.86 6.23 -9.53
CA PHE A 175 5.12 7.41 -9.14
C PHE A 175 3.66 7.02 -8.98
N ASP A 176 3.15 7.29 -7.79
CA ASP A 176 2.17 6.38 -7.23
C ASP A 176 0.81 6.57 -7.86
N GLY A 177 0.03 5.52 -7.82
CA GLY A 177 -1.31 5.62 -8.32
C GLY A 177 -2.08 6.55 -7.43
N LEU A 178 -2.26 6.21 -6.17
CA LEU A 178 -3.06 7.07 -5.33
C LEU A 178 -2.22 7.56 -4.16
N ALA A 179 -1.51 8.64 -4.41
CA ALA A 179 -0.89 9.52 -3.44
C ALA A 179 -1.00 10.90 -4.05
N LYS A 180 -0.48 11.05 -5.27
CA LYS A 180 -0.65 12.24 -6.08
C LYS A 180 -2.09 12.65 -6.27
N LEU A 181 -3.02 11.69 -6.28
CA LEU A 181 -4.43 12.01 -6.44
C LEU A 181 -4.91 13.05 -5.44
N ILE A 182 -4.53 12.89 -4.17
CA ILE A 182 -5.11 13.70 -3.12
C ILE A 182 -4.87 15.15 -3.46
N ASP A 183 -5.95 15.89 -3.63
CA ASP A 183 -5.87 17.33 -3.68
C ASP A 183 -6.98 17.96 -2.86
N LYS A 184 -8.21 17.90 -3.34
CA LYS A 184 -9.38 18.01 -2.48
C LYS A 184 -10.10 16.68 -2.28
N ASN A 185 -9.69 15.59 -2.93
CA ASN A 185 -10.46 14.41 -2.57
C ASN A 185 -9.68 13.50 -1.66
N ASN A 186 -9.69 13.81 -0.39
CA ASN A 186 -9.52 12.84 0.65
C ASN A 186 -10.41 13.31 1.79
N VAL A 187 -11.49 12.61 2.02
CA VAL A 187 -12.38 13.09 3.04
C VAL A 187 -11.98 12.39 4.32
N ILE A 188 -11.31 13.13 5.19
CA ILE A 188 -10.77 12.53 6.39
C ILE A 188 -11.92 12.15 7.29
N ASN A 189 -11.88 10.95 7.84
CA ASN A 189 -12.76 10.69 8.95
C ASN A 189 -12.01 11.04 10.23
N ALA A 190 -12.45 12.13 10.86
CA ALA A 190 -11.61 12.81 11.85
C ALA A 190 -11.01 11.82 12.83
N LYS A 191 -11.78 10.81 13.21
CA LYS A 191 -11.24 9.60 13.80
C LYS A 191 -11.60 8.45 12.88
N GLY A 192 -10.86 7.37 13.00
CA GLY A 192 -11.28 6.18 12.31
C GLY A 192 -12.68 5.85 12.77
N ASN A 193 -13.61 5.84 11.84
CA ASN A 193 -15.00 5.56 12.11
C ASN A 193 -15.46 4.50 11.14
N GLN A 194 -16.74 4.25 11.11
CA GLN A 194 -17.25 3.24 10.19
C GLN A 194 -17.26 3.79 8.79
N LEU A 195 -17.69 2.97 7.83
CA LEU A 195 -18.15 3.59 6.60
C LEU A 195 -19.64 3.84 6.78
N THR A 196 -20.03 5.11 6.88
CA THR A 196 -21.39 5.45 7.27
C THR A 196 -22.31 5.54 6.05
N GLU A 197 -21.83 5.15 4.88
CA GLU A 197 -22.52 5.27 3.61
C GLU A 197 -22.78 6.73 3.30
N LYS A 198 -22.61 7.61 4.26
CA LYS A 198 -22.62 9.03 3.96
C LYS A 198 -21.28 9.48 3.43
N HIS A 199 -20.19 8.94 3.97
CA HIS A 199 -18.88 9.27 3.42
C HIS A 199 -18.78 8.86 1.97
N LEU A 200 -19.00 7.58 1.65
CA LEU A 200 -18.98 7.17 0.24
C LEU A 200 -19.81 8.09 -0.62
N ASN A 201 -20.95 8.53 -0.12
CA ASN A 201 -21.74 9.48 -0.88
C ASN A 201 -20.95 10.75 -1.10
N GLU A 202 -20.25 11.21 -0.05
CA GLU A 202 -19.46 12.43 -0.16
C GLU A 202 -18.32 12.28 -1.16
N ALA A 203 -17.58 11.19 -1.10
CA ALA A 203 -16.56 10.99 -2.11
C ALA A 203 -17.17 10.89 -3.49
N ALA A 204 -18.42 10.45 -3.57
CA ALA A 204 -19.04 10.32 -4.89
C ALA A 204 -19.53 11.66 -5.43
N VAL A 205 -19.84 12.63 -4.58
CA VAL A 205 -20.13 13.94 -5.12
C VAL A 205 -18.84 14.72 -5.38
N ARG A 206 -17.81 14.52 -4.56
CA ARG A 206 -16.51 15.07 -4.89
C ARG A 206 -16.07 14.64 -6.27
N ILE A 207 -16.07 13.33 -6.51
CA ILE A 207 -15.79 12.88 -7.86
C ILE A 207 -16.89 13.30 -8.79
N GLY A 208 -18.02 13.75 -8.26
CA GLY A 208 -19.01 14.37 -9.10
C GLY A 208 -18.48 15.62 -9.76
N LYS A 209 -18.05 16.60 -8.96
CA LYS A 209 -17.62 17.86 -9.54
C LYS A 209 -16.45 17.67 -10.48
N GLY A 210 -15.84 16.51 -10.46
CA GLY A 210 -14.79 16.26 -11.41
C GLY A 210 -15.27 15.65 -12.70
N PHE A 211 -16.56 15.73 -12.97
CA PHE A 211 -17.09 15.32 -14.26
C PHE A 211 -16.84 13.83 -14.51
N GLY A 212 -17.43 12.99 -13.66
CA GLY A 212 -17.27 11.55 -13.75
C GLY A 212 -18.01 10.81 -12.65
N THR A 213 -18.27 9.52 -12.84
CA THR A 213 -19.21 8.82 -11.99
C THR A 213 -18.56 7.57 -11.44
N ALA A 214 -18.26 7.55 -10.15
CA ALA A 214 -17.33 6.57 -9.61
C ALA A 214 -17.91 5.19 -9.79
N THR A 215 -17.18 4.31 -10.49
CA THR A 215 -17.68 2.97 -10.75
C THR A 215 -17.13 1.87 -9.85
N ASP A 216 -16.03 2.04 -9.13
CA ASP A 216 -15.58 0.97 -8.25
C ASP A 216 -15.07 1.47 -6.92
N ALA A 217 -14.69 0.53 -6.08
CA ALA A 217 -14.10 0.80 -4.78
C ALA A 217 -13.11 -0.32 -4.46
N TYR A 218 -12.19 -0.09 -3.51
CA TYR A 218 -11.20 -1.11 -3.20
C TYR A 218 -10.66 -0.98 -1.78
N MET A 219 -10.20 -2.11 -1.25
CA MET A 219 -9.29 -2.19 -0.09
C MET A 219 -9.87 -1.78 1.22
N PRO A 220 -9.39 -2.36 2.32
CA PRO A 220 -8.82 -3.68 2.53
C PRO A 220 -10.02 -4.57 2.72
N ILE A 221 -9.93 -5.83 3.16
CA ILE A 221 -11.13 -6.52 3.59
C ILE A 221 -11.38 -6.29 5.07
N GLY A 222 -10.54 -5.50 5.73
CA GLY A 222 -10.83 -5.11 7.09
C GLY A 222 -11.64 -3.82 7.14
N VAL A 223 -12.38 -3.55 6.08
CA VAL A 223 -13.39 -2.48 6.15
C VAL A 223 -14.72 -3.00 5.65
N HIS A 224 -14.75 -3.46 4.40
CA HIS A 224 -15.96 -3.97 3.77
C HIS A 224 -16.67 -5.01 4.62
N ALA A 225 -15.98 -5.55 5.62
CA ALA A 225 -16.70 -6.18 6.71
C ALA A 225 -17.24 -5.14 7.67
N ASP A 226 -16.36 -4.38 8.31
CA ASP A 226 -16.83 -3.49 9.36
C ASP A 226 -17.78 -2.44 8.84
N PHE A 227 -17.97 -2.37 7.52
CA PHE A 227 -19.07 -1.60 6.97
C PHE A 227 -20.36 -2.41 6.97
N VAL A 228 -20.26 -3.71 7.29
CA VAL A 228 -21.44 -4.55 7.36
C VAL A 228 -21.74 -4.93 8.80
N ASN A 229 -20.80 -5.60 9.48
CA ASN A 229 -21.05 -5.98 10.87
C ASN A 229 -21.26 -4.89 11.90
N SER A 230 -20.91 -3.66 11.56
CA SER A 230 -21.04 -2.57 12.51
C SER A 230 -22.32 -1.79 12.33
N ILE A 231 -22.68 -1.49 11.09
CA ILE A 231 -23.61 -0.41 10.86
C ILE A 231 -24.88 -0.93 10.21
N LEU A 232 -24.75 -1.56 9.05
CA LEU A 232 -25.87 -1.75 8.16
C LEU A 232 -26.19 -3.21 8.39
N GLY A 233 -27.17 -3.73 7.67
CA GLY A 233 -27.60 -5.11 7.84
C GLY A 233 -28.31 -5.37 9.14
N ARG A 234 -28.67 -4.32 9.86
CA ARG A 234 -29.43 -4.49 11.08
C ARG A 234 -30.90 -4.20 10.92
N GLN A 235 -31.41 -4.12 9.69
CA GLN A 235 -32.85 -4.25 9.49
C GLN A 235 -33.25 -5.55 10.18
N MET A 236 -34.40 -5.51 10.83
CA MET A 236 -34.99 -6.73 11.38
C MET A 236 -36.30 -7.03 10.70
N GLN A 237 -36.40 -8.24 10.17
CA GLN A 237 -37.66 -8.72 9.66
C GLN A 237 -38.24 -9.68 10.69
N LEU A 238 -39.19 -9.17 11.47
CA LEU A 238 -39.97 -9.93 12.43
C LEU A 238 -41.37 -9.87 11.83
N MET A 239 -41.77 -10.99 11.26
CA MET A 239 -42.87 -11.11 10.31
C MET A 239 -43.80 -12.23 10.78
N GLN A 240 -44.77 -12.59 9.95
CA GLN A 240 -45.21 -13.94 10.17
C GLN A 240 -44.06 -14.65 9.51
N ASP A 241 -43.29 -15.44 10.24
CA ASP A 241 -42.10 -16.02 9.66
C ASP A 241 -41.83 -17.31 10.38
N ASN A 242 -41.40 -18.32 9.64
CA ASN A 242 -41.46 -19.67 10.17
C ASN A 242 -40.54 -19.74 11.38
N SER A 243 -40.84 -20.64 12.30
CA SER A 243 -39.89 -20.95 13.35
C SER A 243 -38.63 -21.54 12.72
N GLY A 244 -37.51 -21.42 13.42
CA GLY A 244 -36.34 -22.18 13.02
C GLY A 244 -35.76 -21.74 11.70
N ASN A 245 -35.74 -22.62 10.71
CA ASN A 245 -34.94 -22.45 9.50
C ASN A 245 -35.21 -21.12 8.79
N VAL A 246 -34.16 -20.31 8.72
CA VAL A 246 -34.18 -19.01 8.08
C VAL A 246 -32.75 -18.52 8.20
N ASN A 247 -32.37 -17.56 7.37
CA ASN A 247 -31.00 -17.07 7.37
C ASN A 247 -30.92 -15.86 8.28
N THR A 248 -29.72 -15.35 8.48
CA THR A 248 -29.57 -14.05 9.10
C THR A 248 -28.54 -13.25 8.33
N GLY A 249 -28.25 -12.07 8.82
CA GLY A 249 -27.13 -11.34 8.27
C GLY A 249 -27.32 -10.91 6.83
N TYR A 250 -26.26 -10.29 6.31
CA TYR A 250 -26.41 -9.37 5.20
C TYR A 250 -25.09 -9.38 4.45
N SER A 251 -25.11 -9.38 3.11
CA SER A 251 -23.89 -9.38 2.30
C SER A 251 -23.99 -8.23 1.29
N VAL A 252 -23.09 -7.26 1.39
CA VAL A 252 -23.32 -5.94 0.82
C VAL A 252 -22.35 -5.74 -0.35
N ASN A 253 -22.87 -5.74 -1.56
CA ASN A 253 -22.16 -5.25 -2.74
C ASN A 253 -23.05 -4.23 -3.41
N GLY A 254 -22.65 -3.79 -4.60
CA GLY A 254 -23.53 -2.98 -5.43
C GLY A 254 -24.13 -1.76 -4.75
N PHE A 255 -23.41 -1.14 -3.83
CA PHE A 255 -23.86 0.13 -3.27
C PHE A 255 -24.04 1.15 -4.38
N TYR A 256 -25.09 1.97 -4.28
CA TYR A 256 -25.25 3.09 -5.20
C TYR A 256 -25.87 4.30 -4.53
N SER A 257 -25.27 5.47 -4.81
CA SER A 257 -25.59 6.72 -4.14
C SER A 257 -26.07 7.85 -5.05
N SER A 258 -25.14 8.55 -5.66
CA SER A 258 -25.55 9.46 -6.72
C SER A 258 -25.76 8.69 -7.99
N ARG A 259 -24.88 7.74 -8.26
CA ARG A 259 -24.80 7.03 -9.52
C ARG A 259 -24.33 5.61 -9.25
N GLY A 260 -24.94 4.65 -9.94
CA GLY A 260 -24.88 3.25 -9.51
C GLY A 260 -23.56 2.57 -9.78
N PHE A 261 -23.10 1.77 -8.83
CA PHE A 261 -21.84 1.09 -9.05
C PHE A 261 -21.70 -0.13 -8.16
N ILE A 262 -20.49 -0.72 -8.20
CA ILE A 262 -20.07 -1.93 -7.51
C ILE A 262 -18.94 -1.52 -6.59
N LYS A 263 -18.76 -2.26 -5.50
CA LYS A 263 -17.48 -2.21 -4.83
C LYS A 263 -16.80 -3.56 -4.91
N LEU A 264 -15.85 -3.66 -5.83
CA LEU A 264 -15.02 -4.84 -5.95
C LEU A 264 -14.02 -4.71 -4.84
N HIS A 265 -14.11 -5.54 -3.83
CA HIS A 265 -13.47 -5.03 -2.65
C HIS A 265 -12.93 -6.20 -1.86
N GLY A 266 -12.35 -5.88 -0.72
CA GLY A 266 -11.69 -6.90 0.04
C GLY A 266 -10.56 -7.53 -0.71
N SER A 267 -9.63 -6.74 -1.22
CA SER A 267 -8.32 -7.30 -1.39
C SER A 267 -7.97 -7.93 -0.07
N THR A 268 -7.35 -9.09 -0.09
CA THR A 268 -6.66 -9.36 1.15
C THR A 268 -5.18 -9.13 0.96
N VAL A 269 -4.80 -7.86 1.04
CA VAL A 269 -3.41 -7.43 0.98
C VAL A 269 -3.29 -6.11 1.72
N MET A 270 -2.39 -6.05 2.69
CA MET A 270 -1.76 -4.81 3.16
C MET A 270 -0.33 -5.11 3.55
N GLU A 271 0.61 -4.37 2.98
CA GLU A 271 1.99 -4.50 3.40
C GLU A 271 2.35 -3.44 4.40
N ASN A 272 2.32 -2.19 3.99
CA ASN A 272 2.67 -1.10 4.90
C ASN A 272 1.80 -1.14 6.14
N GLU A 273 0.49 -1.18 5.95
CA GLU A 273 -0.45 -0.93 7.03
C GLU A 273 -0.06 -1.70 8.29
N LEU A 274 0.21 -2.99 8.16
CA LEU A 274 0.70 -3.76 9.29
C LEU A 274 2.20 -3.92 9.18
N ILE A 275 2.94 -3.23 10.01
CA ILE A 275 4.39 -3.22 9.89
C ILE A 275 4.95 -4.49 10.51
N LEU A 276 5.78 -5.20 9.73
CA LEU A 276 6.51 -6.33 10.28
C LEU A 276 7.46 -5.89 11.37
N ASP A 277 7.47 -4.58 11.66
CA ASP A 277 8.22 -3.99 12.75
C ASP A 277 7.80 -4.59 14.08
N GLU A 278 6.80 -5.47 14.06
CA GLU A 278 6.44 -6.23 15.24
C GLU A 278 7.55 -7.20 15.58
N SER A 279 7.30 -8.01 16.61
CA SER A 279 8.33 -8.89 17.16
C SER A 279 8.94 -9.79 16.09
N LEU A 280 8.24 -9.93 14.95
CA LEU A 280 8.88 -10.50 13.77
C LEU A 280 9.97 -9.60 13.21
N GLN A 281 10.18 -8.41 13.78
CA GLN A 281 11.27 -7.53 13.34
C GLN A 281 12.58 -8.31 13.39
N PRO A 282 13.29 -8.34 12.28
CA PRO A 282 14.55 -9.06 12.22
C PRO A 282 15.57 -8.28 11.42
N LEU A 283 16.71 -7.99 12.05
CA LEU A 283 17.78 -7.34 11.31
C LEU A 283 18.16 -8.21 10.14
N PRO A 284 18.24 -7.63 8.96
CA PRO A 284 18.66 -8.48 7.86
C PRO A 284 20.09 -8.12 7.47
N ASN A 285 21.05 -8.94 7.88
CA ASN A 285 22.46 -8.74 7.56
C ASN A 285 22.86 -7.28 7.68
N ALA A 286 22.99 -6.77 8.90
CA ALA A 286 23.18 -5.33 9.10
C ALA A 286 24.38 -4.80 8.34
N PRO A 287 25.24 -5.67 7.81
CA PRO A 287 26.19 -5.26 6.79
C PRO A 287 25.56 -4.47 5.66
N GLN A 288 24.67 -5.11 4.90
CA GLN A 288 23.97 -4.50 3.78
C GLN A 288 22.62 -3.90 4.18
N PRO A 289 22.30 -3.92 5.47
CA PRO A 289 21.13 -3.24 6.00
C PRO A 289 21.60 -1.99 6.72
N ALA A 290 21.14 -0.85 6.24
CA ALA A 290 21.67 0.40 6.77
C ALA A 290 21.53 0.41 8.28
N LYS A 291 22.48 1.04 8.95
CA LYS A 291 22.57 0.93 10.40
C LYS A 291 21.25 1.34 11.04
N VAL A 292 20.89 0.63 12.11
CA VAL A 292 19.67 0.95 12.84
C VAL A 292 19.64 2.43 13.16
N THR A 293 18.53 3.07 12.86
CA THR A 293 18.47 4.50 13.02
C THR A 293 18.67 4.86 14.49
N ALA A 294 19.23 6.05 14.73
CA ALA A 294 19.22 6.57 16.08
C ALA A 294 17.78 6.63 16.56
N THR A 295 17.52 6.04 17.71
CA THR A 295 16.16 6.01 18.23
C THR A 295 15.65 7.44 18.27
N VAL A 296 14.53 7.68 17.60
CA VAL A 296 14.14 9.02 17.21
C VAL A 296 14.24 9.96 18.39
N GLU A 297 14.78 11.16 18.16
CA GLU A 297 14.87 12.10 19.24
C GLU A 297 13.50 12.34 19.85
N THR A 298 13.40 12.10 21.16
CA THR A 298 12.11 12.12 21.83
C THR A 298 11.55 13.54 21.75
N LYS A 299 10.33 13.65 21.24
CA LYS A 299 9.71 14.96 21.05
C LYS A 299 9.63 15.75 22.35
N GLN A 300 9.10 15.14 23.41
CA GLN A 300 8.58 15.87 24.56
C GLN A 300 7.59 16.93 24.09
N LYS A 301 6.62 16.44 23.32
CA LYS A 301 5.95 17.18 22.27
C LYS A 301 5.44 18.54 22.77
N GLY A 302 5.82 19.57 22.02
CA GLY A 302 5.38 20.94 22.32
C GLY A 302 4.16 21.28 21.48
N ALA A 303 3.24 22.05 22.07
CA ALA A 303 1.94 22.27 21.44
C ALA A 303 1.92 23.66 20.80
N PHE A 304 2.03 23.66 19.48
CA PHE A 304 1.86 24.83 18.65
C PHE A 304 1.00 24.46 17.46
N GLU A 305 1.53 23.57 16.63
CA GLU A 305 0.86 23.14 15.41
C GLU A 305 -0.47 22.49 15.75
N ASN A 306 -1.35 22.44 14.76
CA ASN A 306 -2.76 22.16 15.01
C ASN A 306 -2.91 20.88 15.83
N GLU A 307 -3.53 21.01 17.00
CA GLU A 307 -3.56 19.96 18.01
C GLU A 307 -4.29 20.49 19.23
N GLU A 308 -4.72 19.56 20.08
CA GLU A 308 -5.12 19.86 21.45
C GLU A 308 -3.87 19.74 22.30
N ASP A 309 -4.03 19.70 23.63
CA ASP A 309 -2.87 19.45 24.47
C ASP A 309 -2.74 17.96 24.72
N ARG A 310 -1.74 17.34 24.12
CA ARG A 310 -1.53 15.90 24.15
C ARG A 310 -0.75 15.53 25.39
N ALA A 311 -0.47 14.25 25.52
CA ALA A 311 0.41 13.75 26.57
C ALA A 311 1.85 13.94 26.16
N GLY A 312 2.75 13.29 26.88
CA GLY A 312 4.10 13.16 26.36
C GLY A 312 4.12 12.08 25.29
N LEU A 313 5.33 11.75 24.83
CA LEU A 313 5.51 10.77 23.78
C LEU A 313 6.80 10.00 24.04
N SER A 314 6.79 8.71 23.74
CA SER A 314 7.95 7.88 23.98
C SER A 314 8.54 7.39 22.66
N TYR A 315 9.64 6.65 22.75
CA TYR A 315 10.33 6.18 21.57
C TYR A 315 10.96 4.82 21.84
N LYS A 316 10.86 3.95 20.85
CA LYS A 316 11.47 2.63 20.92
C LYS A 316 12.48 2.50 19.79
N VAL A 317 13.69 2.09 20.12
CA VAL A 317 14.79 2.02 19.17
C VAL A 317 14.37 1.15 17.98
N VAL A 318 14.68 1.60 16.78
CA VAL A 318 14.18 1.03 15.54
C VAL A 318 14.75 -0.35 15.28
N VAL A 319 14.10 -1.07 14.38
CA VAL A 319 14.67 -2.30 13.88
C VAL A 319 15.11 -2.11 12.43
N ASN A 320 16.42 -2.11 12.20
CA ASN A 320 16.97 -1.69 10.92
C ASN A 320 16.46 -2.57 9.79
N SER A 321 16.39 -2.02 8.59
CA SER A 321 15.55 -2.60 7.56
C SER A 321 16.32 -2.90 6.28
N ASP A 322 15.57 -3.25 5.24
CA ASP A 322 16.07 -3.91 4.05
C ASP A 322 16.98 -2.97 3.26
N ASP A 323 17.37 -3.38 2.05
CA ASP A 323 18.26 -2.57 1.24
C ASP A 323 17.70 -1.17 0.98
N ALA A 324 18.43 -0.15 1.41
CA ALA A 324 18.11 1.26 1.23
C ALA A 324 16.87 1.77 1.96
N GLN A 325 16.58 1.31 3.17
CA GLN A 325 15.60 2.02 4.00
C GLN A 325 15.90 1.77 5.47
N SER A 326 15.73 2.80 6.28
CA SER A 326 15.81 2.65 7.73
C SER A 326 14.50 3.19 8.28
N ALA A 327 13.97 2.55 9.32
CA ALA A 327 12.63 2.88 9.81
C ALA A 327 12.60 3.00 11.33
N PRO A 328 12.36 4.21 11.82
CA PRO A 328 12.21 4.45 13.26
C PRO A 328 10.87 3.89 13.67
N SER A 329 10.51 4.02 14.96
CA SER A 329 9.26 3.39 15.37
C SER A 329 8.22 4.34 15.96
N GLU A 330 8.41 4.75 17.20
CA GLU A 330 7.31 5.31 17.99
C GLU A 330 6.81 6.63 17.44
N GLU A 331 5.60 7.00 17.82
CA GLU A 331 5.08 8.32 17.51
C GLU A 331 4.40 9.01 18.69
N VAL A 332 3.21 8.52 19.09
CA VAL A 332 2.45 9.08 20.22
C VAL A 332 1.95 7.93 21.08
N THR A 333 2.44 7.83 22.31
CA THR A 333 2.31 6.58 23.06
C THR A 333 1.28 6.60 24.17
N ALA A 334 1.48 7.42 25.21
CA ALA A 334 0.88 7.09 26.51
C ALA A 334 -0.56 7.56 26.68
N THR A 335 -0.76 8.84 26.99
CA THR A 335 -2.11 9.27 27.38
C THR A 335 -2.83 9.99 26.26
N VAL A 336 -2.17 10.21 25.13
CA VAL A 336 -2.69 11.17 24.17
C VAL A 336 -3.94 10.69 23.47
N SER A 337 -4.30 9.43 23.62
CA SER A 337 -5.12 8.78 22.60
C SER A 337 -6.62 8.84 22.86
N ASN A 338 -7.08 9.51 23.92
CA ASN A 338 -8.51 9.72 24.08
C ASN A 338 -9.03 10.48 22.87
N VAL A 339 -10.28 10.23 22.50
CA VAL A 339 -10.73 10.47 21.14
C VAL A 339 -10.37 11.87 20.63
N ASP A 340 -9.93 11.92 19.38
CA ASP A 340 -9.84 13.12 18.57
C ASP A 340 -9.19 14.29 19.27
N ASP A 341 -8.21 14.05 20.13
CA ASP A 341 -7.41 15.17 20.61
C ASP A 341 -6.56 15.72 19.47
N GLY A 342 -6.54 15.01 18.33
CA GLY A 342 -5.67 15.33 17.21
C GLY A 342 -4.25 15.39 17.69
N VAL A 343 -3.87 14.48 18.57
CA VAL A 343 -2.59 14.56 19.26
C VAL A 343 -1.48 14.30 18.27
N LYS A 344 -0.60 15.31 18.12
CA LYS A 344 0.50 15.29 17.17
C LYS A 344 1.82 15.32 17.91
N LEU A 345 2.53 14.18 17.86
CA LEU A 345 3.88 14.13 18.37
C LEU A 345 4.60 15.25 17.65
N SER A 346 5.19 16.16 18.41
CA SER A 346 5.55 17.44 17.81
C SER A 346 6.75 17.28 16.90
N ILE A 347 7.93 17.10 17.47
CA ILE A 347 9.08 16.77 16.65
C ILE A 347 9.57 15.37 16.99
N ASN A 348 9.30 14.45 16.07
CA ASN A 348 10.04 13.21 16.12
C ASN A 348 11.23 13.52 15.24
N VAL A 349 12.40 13.66 15.84
CA VAL A 349 13.59 14.02 15.10
C VAL A 349 14.41 12.75 14.90
N ASN A 350 14.44 12.25 13.67
CA ASN A 350 15.15 11.02 13.41
C ASN A 350 16.58 11.36 13.04
N ALA A 351 17.54 10.95 13.87
CA ALA A 351 18.94 11.24 13.57
C ALA A 351 19.50 10.08 12.76
N MET A 352 19.79 10.33 11.48
CA MET A 352 20.19 9.25 10.61
C MET A 352 21.69 9.28 10.44
N TYR A 353 22.36 8.21 10.86
CA TYR A 353 23.80 8.10 10.69
C TYR A 353 24.14 6.74 10.11
N GLN A 354 24.71 6.74 8.91
CA GLN A 354 24.85 5.51 8.16
C GLN A 354 26.23 5.45 7.51
N GLN A 355 26.87 4.29 7.61
CA GLN A 355 27.99 3.92 6.76
C GLN A 355 27.43 3.29 5.49
N GLN A 356 28.06 3.61 4.37
CA GLN A 356 27.49 3.28 3.07
C GLN A 356 27.23 1.78 3.02
N PRO A 357 25.97 1.44 2.85
CA PRO A 357 25.54 0.11 2.52
C PRO A 357 24.62 0.28 1.34
N GLN A 358 23.50 0.93 1.60
CA GLN A 358 22.82 1.78 0.64
C GLN A 358 22.55 3.08 1.37
N PHE A 359 23.10 4.18 0.87
CA PHE A 359 22.97 5.43 1.61
C PHE A 359 21.49 5.67 1.84
N VAL A 360 21.09 5.72 3.10
CA VAL A 360 19.68 5.57 3.41
C VAL A 360 18.87 6.67 2.76
N SER A 361 17.65 6.32 2.33
CA SER A 361 16.80 7.26 1.62
C SER A 361 15.49 7.55 2.33
N ILE A 362 14.52 6.65 2.27
CA ILE A 362 13.27 6.82 2.99
C ILE A 362 13.48 6.44 4.44
N TYR A 363 13.31 7.39 5.35
CA TYR A 363 13.37 6.97 6.74
C TYR A 363 11.99 7.04 7.35
N ARG A 364 11.33 5.89 7.47
CA ARG A 364 9.90 5.85 7.71
C ARG A 364 9.58 5.90 9.19
N GLN A 365 8.70 6.80 9.61
CA GLN A 365 8.26 6.80 10.99
C GLN A 365 7.00 5.95 11.04
N GLY A 366 7.12 4.75 11.61
CA GLY A 366 6.01 3.81 11.62
C GLY A 366 5.37 3.79 13.00
N LYS A 367 4.19 4.41 13.10
CA LYS A 367 3.67 4.94 14.35
C LYS A 367 3.17 3.84 15.26
N GLU A 368 2.59 4.29 16.37
CA GLU A 368 2.68 3.54 17.60
C GLU A 368 1.86 2.27 17.50
N THR A 369 1.92 1.48 18.57
CA THR A 369 1.44 0.10 18.54
C THR A 369 -0.04 0.03 18.23
N GLY A 370 -0.68 1.19 18.13
CA GLY A 370 -2.12 1.28 18.30
C GLY A 370 -2.44 1.66 19.71
N MET A 371 -3.62 2.25 19.87
CA MET A 371 -4.05 2.63 21.21
C MET A 371 -4.11 1.40 22.11
N TYR A 372 -4.32 0.24 21.49
CA TYR A 372 -4.91 -0.93 22.09
C TYR A 372 -4.16 -2.23 21.79
N PHE A 373 -4.19 -2.67 20.54
CA PHE A 373 -3.69 -3.96 20.09
C PHE A 373 -2.34 -3.79 19.45
N LEU A 374 -1.31 -4.32 20.09
CA LEU A 374 0.03 -3.79 19.90
C LEU A 374 0.61 -4.47 18.69
N ILE A 375 0.59 -3.75 17.57
CA ILE A 375 1.35 -4.09 16.38
C ILE A 375 1.42 -2.75 15.66
N LYS A 376 2.53 -2.44 15.00
CA LYS A 376 2.78 -1.06 14.60
C LYS A 376 1.93 -0.70 13.40
N ARG A 377 2.00 0.55 12.96
CA ARG A 377 1.35 1.02 11.74
C ARG A 377 2.30 2.00 11.06
N VAL A 378 1.88 2.59 9.95
CA VAL A 378 2.77 3.36 9.08
C VAL A 378 2.12 4.68 8.69
N PRO A 379 2.27 5.73 9.47
CA PRO A 379 1.69 7.02 9.06
C PRO A 379 2.38 7.70 7.88
N VAL A 380 3.70 7.77 7.82
CA VAL A 380 4.37 8.61 6.84
C VAL A 380 5.64 7.95 6.33
N LYS A 381 5.78 7.88 5.01
CA LYS A 381 7.09 7.75 4.39
C LYS A 381 7.55 9.15 4.01
N ASP A 382 8.54 9.69 4.70
CA ASP A 382 9.00 11.04 4.38
C ASP A 382 10.30 10.98 3.60
N ALA A 383 10.31 11.57 2.43
CA ALA A 383 11.52 11.70 1.65
C ALA A 383 12.50 12.51 2.46
N GLN A 384 13.79 12.39 2.13
CA GLN A 384 14.83 12.77 3.08
C GLN A 384 15.59 14.02 2.62
N GLU A 385 15.32 15.13 3.31
CA GLU A 385 16.24 16.27 3.36
C GLU A 385 16.11 17.03 4.69
N ASP A 386 17.25 17.33 5.31
CA ASP A 386 17.47 18.52 6.12
C ASP A 386 18.81 19.17 5.83
N GLY A 387 19.89 18.43 5.92
CA GLY A 387 21.23 18.96 6.08
C GLY A 387 21.72 18.54 7.45
N THR A 388 20.80 17.98 8.23
CA THR A 388 21.08 17.27 9.48
C THR A 388 19.85 16.40 9.74
N ILE A 389 19.57 16.10 11.00
CA ILE A 389 18.46 15.27 11.42
C ILE A 389 17.14 15.64 10.74
N VAL A 390 16.47 14.65 10.20
CA VAL A 390 15.12 14.79 9.66
C VAL A 390 14.17 15.34 10.73
N PHE A 391 13.18 16.14 10.32
CA PHE A 391 12.15 16.62 11.21
C PHE A 391 10.79 16.17 10.70
N VAL A 392 9.95 15.66 11.59
CA VAL A 392 8.59 15.24 11.25
C VAL A 392 7.63 15.70 12.35
N ASP A 393 6.68 16.56 12.00
CA ASP A 393 5.54 16.82 12.87
C ASP A 393 4.57 15.66 12.68
N LYS A 394 3.47 15.62 13.43
CA LYS A 394 2.78 14.38 13.17
C LYS A 394 1.30 14.48 12.80
N ASN A 395 0.37 14.58 13.76
CA ASN A 395 -0.78 13.67 13.73
C ASN A 395 -1.53 13.66 12.41
N GLU A 396 -1.64 12.44 11.86
CA GLU A 396 -2.64 12.02 10.88
C GLU A 396 -2.72 10.51 11.01
N THR A 397 -3.82 9.93 10.54
CA THR A 397 -3.93 8.53 10.15
C THR A 397 -3.40 7.56 11.19
N LEU A 398 -3.51 7.90 12.46
CA LEU A 398 -2.80 7.12 13.46
C LEU A 398 -2.80 6.43 14.80
N PRO A 399 -2.57 5.12 14.76
CA PRO A 399 -2.93 4.18 13.72
C PRO A 399 -3.69 3.21 12.87
N GLU A 400 -4.87 3.50 12.34
CA GLU A 400 -5.60 2.39 11.73
C GLU A 400 -5.58 2.12 10.24
N THR A 401 -5.86 0.86 9.90
CA THR A 401 -6.14 0.52 8.52
C THR A 401 -7.15 1.52 8.00
N ALA A 402 -6.90 2.06 6.84
CA ALA A 402 -7.64 3.27 6.54
C ALA A 402 -8.33 3.25 5.19
N ASP A 403 -7.53 3.29 4.15
CA ASP A 403 -8.00 3.75 2.84
C ASP A 403 -9.12 2.87 2.30
N VAL A 404 -9.98 3.47 1.50
CA VAL A 404 -10.76 2.78 0.50
C VAL A 404 -10.86 3.70 -0.70
N PHE A 405 -10.67 3.15 -1.90
CA PHE A 405 -10.42 3.96 -3.09
C PHE A 405 -11.58 3.83 -4.07
N VAL A 406 -12.36 4.89 -4.20
CA VAL A 406 -13.53 4.90 -5.05
C VAL A 406 -13.26 5.80 -6.23
N GLY A 407 -13.84 5.47 -7.38
CA GLY A 407 -13.64 6.28 -8.56
C GLY A 407 -14.13 5.58 -9.80
N GLU A 408 -13.60 6.02 -10.94
CA GLU A 408 -13.98 5.47 -12.23
C GLU A 408 -12.83 4.73 -12.86
N MET A 409 -12.87 3.40 -12.88
CA MET A 409 -11.91 2.64 -13.66
C MET A 409 -12.48 2.42 -15.05
N SER A 410 -11.74 2.86 -16.02
CA SER A 410 -12.08 2.93 -17.41
C SER A 410 -10.85 3.39 -18.16
N PRO A 411 -10.57 2.79 -19.30
CA PRO A 411 -9.28 2.98 -19.94
C PRO A 411 -8.91 4.43 -20.19
N GLN A 412 -9.84 5.36 -20.07
CA GLN A 412 -9.47 6.76 -20.19
C GLN A 412 -9.18 7.42 -18.86
N VAL A 413 -9.15 6.68 -17.75
CA VAL A 413 -8.98 7.38 -16.48
C VAL A 413 -7.87 6.80 -15.61
N VAL A 414 -7.95 5.54 -15.24
CA VAL A 414 -6.84 4.91 -14.55
C VAL A 414 -6.23 3.86 -15.46
N HIS A 415 -4.96 4.04 -15.79
CA HIS A 415 -4.41 3.45 -17.00
C HIS A 415 -3.00 3.04 -16.64
N LEU A 416 -2.60 1.83 -17.02
CA LEU A 416 -1.33 1.30 -16.56
C LEU A 416 -0.38 1.09 -17.71
N PHE A 417 0.79 1.73 -17.64
CA PHE A 417 1.72 1.81 -18.76
C PHE A 417 2.79 0.74 -18.65
N GLU A 418 2.81 -0.15 -19.62
CA GLU A 418 3.64 -1.32 -19.64
C GLU A 418 4.73 -1.10 -20.68
N LEU A 419 5.95 -0.83 -20.24
CA LEU A 419 7.01 -0.52 -21.21
C LEU A 419 7.44 -1.78 -21.94
N LEU A 420 7.71 -2.84 -21.18
CA LEU A 420 7.78 -4.19 -21.70
C LEU A 420 7.07 -5.11 -20.72
N PRO A 421 6.27 -6.05 -21.21
CA PRO A 421 5.47 -6.87 -20.31
C PRO A 421 6.35 -7.68 -19.38
N MET A 422 5.73 -8.47 -18.52
CA MET A 422 6.55 -9.32 -17.66
C MET A 422 7.27 -10.39 -18.46
N MET A 423 8.59 -10.43 -18.40
CA MET A 423 9.33 -11.49 -19.04
C MET A 423 10.32 -12.06 -18.05
N LYS A 424 11.01 -13.09 -18.49
CA LYS A 424 12.07 -13.70 -17.70
C LYS A 424 13.31 -13.83 -18.57
N LEU A 425 14.42 -13.33 -18.06
CA LEU A 425 15.64 -13.53 -18.79
C LEU A 425 16.60 -14.34 -17.94
N PRO A 426 17.37 -15.24 -18.54
CA PRO A 426 18.37 -15.99 -17.78
C PRO A 426 19.55 -15.09 -17.46
N LEU A 427 20.56 -15.63 -16.81
CA LEU A 427 21.74 -14.84 -16.54
C LEU A 427 22.97 -15.72 -16.57
N ALA A 428 24.08 -15.18 -16.11
CA ALA A 428 25.34 -15.89 -16.23
C ALA A 428 25.72 -16.58 -14.93
N GLN A 429 26.35 -17.75 -15.07
CA GLN A 429 26.65 -18.60 -13.94
C GLN A 429 28.04 -18.33 -13.43
N ILE A 430 28.21 -18.36 -12.12
CA ILE A 430 29.54 -18.35 -11.55
C ILE A 430 29.67 -19.52 -10.59
N ASN A 431 28.83 -19.55 -9.56
CA ASN A 431 28.99 -20.45 -8.44
C ASN A 431 28.41 -21.82 -8.72
N ALA A 432 28.07 -22.07 -9.98
CA ALA A 432 27.34 -23.27 -10.38
C ALA A 432 25.98 -23.28 -9.69
N SER A 433 25.54 -22.07 -9.37
CA SER A 433 24.13 -21.81 -9.12
C SER A 433 23.53 -21.44 -10.46
N ILE A 434 22.31 -20.94 -10.43
CA ILE A 434 21.71 -20.31 -11.59
C ILE A 434 20.97 -19.08 -11.09
N THR A 435 21.33 -17.92 -11.62
CA THR A 435 20.57 -16.72 -11.30
C THR A 435 19.31 -16.82 -12.13
N PHE A 436 18.47 -15.79 -12.08
CA PHE A 436 17.15 -15.88 -12.68
C PHE A 436 16.45 -14.55 -12.49
N ALA A 437 15.47 -14.25 -13.33
CA ALA A 437 14.87 -12.93 -13.31
C ALA A 437 13.48 -12.92 -13.94
N VAL A 438 12.70 -11.91 -13.57
CA VAL A 438 11.52 -11.51 -14.31
C VAL A 438 11.77 -10.04 -14.62
N LEU A 439 10.80 -9.32 -15.19
CA LEU A 439 11.12 -7.97 -15.64
C LEU A 439 9.99 -6.94 -15.63
N TRP A 440 10.16 -5.89 -16.43
CA TRP A 440 9.60 -4.55 -16.30
C TRP A 440 8.13 -4.55 -15.99
N TYR A 441 7.74 -3.46 -15.36
CA TYR A 441 6.34 -3.17 -15.41
C TYR A 441 6.12 -1.80 -16.01
N GLY A 442 6.70 -0.77 -15.40
CA GLY A 442 6.44 0.56 -15.90
C GLY A 442 5.51 1.23 -14.93
N ALA A 443 4.98 2.41 -15.28
CA ALA A 443 4.29 3.19 -14.27
C ALA A 443 2.82 3.31 -14.58
N LEU A 444 2.13 3.94 -13.64
CA LEU A 444 0.68 4.06 -13.60
C LEU A 444 0.34 5.52 -13.76
N ALA A 445 -0.42 5.83 -14.78
CA ALA A 445 -0.69 7.20 -15.14
C ALA A 445 -2.17 7.48 -15.06
N LEU A 446 -2.53 8.53 -14.35
CA LEU A 446 -3.89 9.03 -14.29
C LEU A 446 -4.07 10.08 -15.37
N ARG A 447 -5.16 9.99 -16.10
CA ARG A 447 -5.44 11.06 -17.03
C ARG A 447 -6.30 12.13 -16.39
N ALA A 448 -6.83 11.86 -15.21
CA ALA A 448 -7.78 12.77 -14.58
C ALA A 448 -7.54 12.82 -13.09
N PRO A 449 -6.51 13.50 -12.63
CA PRO A 449 -6.16 13.39 -11.22
C PRO A 449 -7.26 13.80 -10.30
N LYS A 450 -8.29 14.47 -10.78
CA LYS A 450 -9.42 14.71 -9.89
C LYS A 450 -10.53 13.68 -10.05
N LYS A 451 -10.52 12.83 -11.08
CA LYS A 451 -11.67 11.94 -11.13
C LYS A 451 -11.51 10.60 -10.47
N TRP A 452 -11.36 10.60 -9.15
CA TRP A 452 -11.15 9.39 -8.39
C TRP A 452 -11.19 9.87 -6.95
N ALA A 453 -11.27 8.98 -5.97
CA ALA A 453 -11.34 9.50 -4.61
C ALA A 453 -10.79 8.50 -3.63
N ARG A 454 -10.10 8.98 -2.60
CA ARG A 454 -9.68 8.13 -1.52
C ARG A 454 -10.04 8.77 -0.18
N ILE A 455 -10.60 7.96 0.72
CA ILE A 455 -11.00 8.46 2.04
C ILE A 455 -10.15 7.76 3.07
N LYS A 456 -9.79 8.46 4.13
CA LYS A 456 -8.83 7.89 5.06
C LYS A 456 -9.39 7.82 6.47
N ASN A 457 -8.72 6.98 7.26
CA ASN A 457 -9.10 6.68 8.63
C ASN A 457 -10.49 6.06 8.71
N VAL A 458 -10.61 4.89 8.12
CA VAL A 458 -11.72 3.98 8.41
C VAL A 458 -11.21 3.05 9.50
N ARG A 459 -11.90 1.94 9.78
CA ARG A 459 -11.43 1.02 10.79
C ARG A 459 -11.47 -0.42 10.30
N TYR A 460 -10.85 -1.31 11.08
CA TYR A 460 -10.92 -2.74 10.76
C TYR A 460 -11.61 -3.54 11.89
#